data_5JLB
#
_entry.id   5JLB
#
_cell.length_a   60.593
_cell.length_b   76.844
_cell.length_c   77.264
_cell.angle_alpha   90.000
_cell.angle_beta   90.000
_cell.angle_gamma   90.000
#
_symmetry.space_group_name_H-M   'P 21 21 21'
#
loop_
_entity.id
_entity.type
_entity.pdbx_description
1 polymer 'Histone-lysine N-methyltransferase SETD2'
2 polymer 'Histone H3.3'
3 non-polymer S-ADENOSYL-L-HOMOCYSTEINE
4 non-polymer 'THIOCYANATE ION'
5 non-polymer GLYCEROL
6 non-polymer 'ZINC ION'
7 water water
#
loop_
_entity_poly.entity_id
_entity_poly.type
_entity_poly.pdbx_seq_one_letter_code
_entity_poly.pdbx_strand_id
1 'polypeptide(L)'
;SGETSVPPGSALVGPSCVMDDFRDPQRWKECAKQGKMPCYFDLIEENVYLTERKKNKSHRDIKRMQCECTPLSKDERAQG
EIACGEDCLNRLLMIECSSRCPNGDYCSNRRFQRKQHADVEVILTEKKGWGLRAAKDLPSNTFVLEYCGEVLDHKEFKAR
VKEYARNKNIHYYFMALKNDEIIDATQKGNCSRFMNHSCEPNCETQKWTVNGQLRVGFFTTKLVPSGSELTFDYQFQRYG
KEAQKCFCGSANCRGYLGGENRVSIRAAGGKMKKERSRK
;
A
2 'polypeptide(L)' APSTGGVIKPHRYR B
#
loop_
_chem_comp.id
_chem_comp.type
_chem_comp.name
_chem_comp.formula
GOL non-polymer GLYCEROL 'C3 H8 O3'
SCN non-polymer 'THIOCYANATE ION' 'C N S -1'
ZN non-polymer 'ZINC ION' 'Zn 2'
#
# COMPACT_ATOMS: atom_id res chain seq x y z
N PRO A 15 -14.87 12.52 11.07
CA PRO A 15 -14.54 13.16 9.80
C PRO A 15 -14.05 12.15 8.78
N SER A 16 -14.45 12.35 7.53
CA SER A 16 -14.01 11.48 6.44
C SER A 16 -13.87 12.31 5.18
N CYS A 17 -13.09 11.78 4.24
CA CYS A 17 -12.88 12.45 2.97
C CYS A 17 -12.70 11.41 1.88
N VAL A 18 -12.88 11.84 0.63
CA VAL A 18 -12.76 10.96 -0.53
C VAL A 18 -11.41 11.21 -1.17
N MET A 19 -10.99 10.25 -2.02
CA MET A 19 -9.64 10.34 -2.56
C MET A 19 -9.47 11.54 -3.49
N ASP A 20 -10.54 11.96 -4.15
CA ASP A 20 -10.46 13.16 -4.98
C ASP A 20 -10.17 14.42 -4.16
N ASP A 21 -10.41 14.38 -2.84
CA ASP A 21 -10.14 15.57 -2.04
C ASP A 21 -8.64 15.87 -1.94
N PHE A 22 -7.80 14.88 -2.21
CA PHE A 22 -6.36 15.03 -2.11
C PHE A 22 -5.73 15.60 -3.38
N ARG A 23 -6.54 15.92 -4.40
CA ARG A 23 -5.97 16.39 -5.65
C ARG A 23 -5.74 17.89 -5.69
N ASP A 24 -6.36 18.64 -4.77
CA ASP A 24 -6.24 20.10 -4.71
C ASP A 24 -5.42 20.44 -3.48
N PRO A 25 -4.12 20.73 -3.61
CA PRO A 25 -3.29 20.99 -2.42
C PRO A 25 -3.74 22.18 -1.58
N GLN A 26 -4.22 23.26 -2.21
CA GLN A 26 -4.62 24.43 -1.43
C GLN A 26 -5.85 24.15 -0.59
N ARG A 27 -6.87 23.52 -1.19
CA ARG A 27 -8.08 23.20 -0.44
C ARG A 27 -7.79 22.16 0.65
N TRP A 28 -6.96 21.17 0.33
CA TRP A 28 -6.57 20.15 1.31
C TRP A 28 -5.87 20.79 2.49
N LYS A 29 -4.90 21.66 2.23
CA LYS A 29 -4.17 22.31 3.33
C LYS A 29 -5.11 23.11 4.23
N GLU A 30 -6.14 23.73 3.65
CA GLU A 30 -7.11 24.45 4.46
C GLU A 30 -8.00 23.48 5.24
N CYS A 31 -8.43 22.39 4.62
CA CYS A 31 -9.20 21.38 5.35
C CYS A 31 -8.39 20.78 6.49
N ALA A 32 -7.09 20.55 6.25
CA ALA A 32 -6.23 20.01 7.29
C ALA A 32 -6.15 20.93 8.50
N LYS A 33 -6.11 22.26 8.26
CA LYS A 33 -6.04 23.19 9.38
C LYS A 33 -7.29 23.13 10.24
N GLN A 34 -8.42 22.75 9.66
CA GLN A 34 -9.66 22.59 10.41
C GLN A 34 -9.87 21.18 10.93
N GLY A 35 -8.92 20.27 10.70
CA GLY A 35 -9.05 18.91 11.19
C GLY A 35 -9.98 18.03 10.40
N LYS A 36 -10.36 18.44 9.19
CA LYS A 36 -11.27 17.68 8.34
C LYS A 36 -10.55 16.78 7.35
N MET A 37 -9.23 16.90 7.25
CA MET A 37 -8.41 16.04 6.42
C MET A 37 -7.10 15.80 7.15
N PRO A 38 -6.39 14.74 6.81
CA PRO A 38 -5.07 14.51 7.43
C PRO A 38 -4.06 15.53 6.93
N CYS A 39 -2.93 15.58 7.62
CA CYS A 39 -1.87 16.51 7.27
C CYS A 39 -1.40 16.30 5.82
N TYR A 40 -0.96 17.39 5.21
CA TYR A 40 -0.55 17.36 3.81
C TYR A 40 0.69 16.50 3.61
N PHE A 41 0.73 15.80 2.48
CA PHE A 41 1.91 15.12 1.97
C PHE A 41 1.89 15.29 0.46
N ASP A 42 2.99 14.91 -0.19
CA ASP A 42 3.10 15.02 -1.65
C ASP A 42 2.45 13.81 -2.30
N LEU A 43 1.34 14.02 -3.01
CA LEU A 43 0.63 12.93 -3.68
C LEU A 43 1.36 12.57 -4.96
N ILE A 44 1.73 11.29 -5.10
CA ILE A 44 2.45 10.80 -6.28
C ILE A 44 1.69 9.68 -6.95
N GLU A 45 1.90 9.53 -8.26
CA GLU A 45 1.23 8.53 -9.08
C GLU A 45 2.02 7.23 -9.21
N GLU A 46 3.30 7.24 -8.86
CA GLU A 46 4.14 6.04 -8.93
C GLU A 46 5.37 6.29 -8.06
N ASN A 47 6.07 5.20 -7.75
CA ASN A 47 7.26 5.30 -6.90
C ASN A 47 8.31 6.23 -7.48
N VAL A 48 8.98 6.96 -6.60
CA VAL A 48 10.08 7.85 -6.96
C VAL A 48 11.35 7.30 -6.33
N TYR A 49 12.32 6.93 -7.15
CA TYR A 49 13.58 6.37 -6.67
C TYR A 49 14.55 7.49 -6.34
N LEU A 50 15.01 7.54 -5.09
CA LEU A 50 16.05 8.49 -4.72
C LEU A 50 17.34 8.20 -5.48
N THR A 51 17.64 6.93 -5.70
CA THR A 51 18.76 6.53 -6.56
C THR A 51 18.24 5.53 -7.58
N GLU A 52 18.38 5.85 -8.86
CA GLU A 52 17.94 4.93 -9.90
C GLU A 52 18.82 3.68 -9.89
N ARG A 53 18.21 2.53 -10.16
CA ARG A 53 18.91 1.27 -10.16
C ARG A 53 18.87 0.65 -11.56
N LYS A 54 19.83 -0.24 -11.82
CA LYS A 54 19.80 -1.03 -13.04
C LYS A 54 18.55 -1.91 -13.04
N LYS A 55 17.93 -2.04 -14.21
CA LYS A 55 16.76 -2.91 -14.35
C LYS A 55 17.16 -4.31 -14.81
N MET A 65 7.29 -9.25 -22.94
CA MET A 65 6.60 -10.07 -21.97
C MET A 65 5.09 -10.14 -22.21
N GLN A 66 4.69 -10.46 -23.43
CA GLN A 66 3.28 -10.60 -23.75
C GLN A 66 2.73 -11.89 -23.14
N CYS A 67 1.51 -11.82 -22.66
CA CYS A 67 0.82 -13.03 -22.24
C CYS A 67 0.42 -13.81 -23.50
N GLU A 68 -0.30 -14.90 -23.28
CA GLU A 68 -0.73 -15.75 -24.38
C GLU A 68 -2.24 -15.81 -24.52
N CYS A 69 -2.95 -14.81 -23.98
CA CYS A 69 -4.40 -14.82 -24.04
C CYS A 69 -4.87 -14.56 -25.47
N THR A 70 -5.89 -15.29 -25.88
CA THR A 70 -6.47 -15.07 -27.20
C THR A 70 -7.31 -13.79 -27.16
N PRO A 71 -7.12 -12.88 -28.12
CA PRO A 71 -7.88 -11.62 -28.09
C PRO A 71 -9.38 -11.88 -28.15
N LEU A 72 -10.12 -11.19 -27.30
CA LEU A 72 -11.58 -11.25 -27.36
C LEU A 72 -12.06 -10.61 -28.65
N SER A 73 -13.09 -11.21 -29.25
CA SER A 73 -13.77 -10.58 -30.35
C SER A 73 -14.63 -9.42 -29.84
N LYS A 74 -15.12 -8.61 -30.77
CA LYS A 74 -16.02 -7.53 -30.37
C LYS A 74 -17.30 -8.05 -29.75
N ASP A 75 -17.78 -9.21 -30.21
CA ASP A 75 -18.98 -9.78 -29.60
C ASP A 75 -18.71 -10.28 -28.19
N GLU A 76 -17.55 -10.89 -27.95
CA GLU A 76 -17.20 -11.31 -26.60
C GLU A 76 -17.05 -10.11 -25.68
N ARG A 77 -16.45 -9.03 -26.18
CA ARG A 77 -16.37 -7.79 -25.39
C ARG A 77 -17.77 -7.27 -25.09
N ALA A 78 -18.65 -7.27 -26.08
CA ALA A 78 -20.02 -6.79 -25.86
C ALA A 78 -20.78 -7.68 -24.88
N GLN A 79 -20.54 -8.99 -24.92
CA GLN A 79 -21.22 -9.92 -24.03
C GLN A 79 -20.70 -9.90 -22.61
N GLY A 80 -19.62 -9.17 -22.34
CA GLY A 80 -19.11 -9.04 -20.99
C GLY A 80 -17.97 -9.97 -20.63
N GLU A 81 -17.40 -10.69 -21.58
CA GLU A 81 -16.25 -11.53 -21.28
C GLU A 81 -15.09 -10.67 -20.81
N ILE A 82 -14.27 -11.23 -19.93
CA ILE A 82 -13.16 -10.52 -19.32
C ILE A 82 -11.89 -10.80 -20.11
N ALA A 83 -11.14 -9.74 -20.43
CA ALA A 83 -9.87 -9.86 -21.12
C ALA A 83 -8.75 -9.97 -20.10
N CYS A 84 -7.91 -11.01 -20.25
CA CYS A 84 -6.82 -11.28 -19.31
C CYS A 84 -7.33 -11.46 -17.89
N GLY A 85 -8.32 -12.35 -17.76
CA GLY A 85 -8.86 -12.70 -16.46
C GLY A 85 -8.04 -13.76 -15.74
N GLU A 86 -8.73 -14.67 -15.06
CA GLU A 86 -8.08 -15.58 -14.12
C GLU A 86 -7.08 -16.52 -14.77
N ASP A 87 -7.16 -16.75 -16.09
CA ASP A 87 -6.28 -17.67 -16.77
C ASP A 87 -5.13 -16.97 -17.50
N CYS A 88 -4.96 -15.67 -17.30
CA CYS A 88 -3.88 -14.95 -17.98
C CYS A 88 -2.55 -15.32 -17.33
N LEU A 89 -1.58 -15.69 -18.17
CA LEU A 89 -0.27 -16.11 -17.66
C LEU A 89 0.43 -14.97 -16.90
N ASN A 90 0.31 -13.74 -17.39
CA ASN A 90 0.90 -12.62 -16.67
C ASN A 90 0.26 -12.44 -15.31
N ARG A 91 -1.08 -12.38 -15.27
CA ARG A 91 -1.80 -12.21 -14.01
C ARG A 91 -1.44 -13.31 -13.00
N LEU A 92 -1.35 -14.56 -13.48
CA LEU A 92 -1.07 -15.67 -12.57
C LEU A 92 0.28 -15.51 -11.89
N LEU A 93 1.25 -14.88 -12.55
CA LEU A 93 2.57 -14.63 -12.00
C LEU A 93 2.69 -13.23 -11.41
N MET A 94 1.57 -12.55 -11.20
CA MET A 94 1.56 -11.21 -10.65
C MET A 94 2.43 -10.26 -11.47
N ILE A 95 2.25 -10.32 -12.78
CA ILE A 95 2.87 -9.42 -13.75
C ILE A 95 1.74 -8.70 -14.47
N GLU A 96 1.80 -7.37 -14.53
CA GLU A 96 0.80 -6.64 -15.31
C GLU A 96 1.15 -6.63 -16.80
N CYS A 97 0.10 -6.57 -17.63
CA CYS A 97 0.28 -6.43 -19.06
C CYS A 97 0.64 -5.00 -19.44
N SER A 98 1.27 -4.86 -20.59
CA SER A 98 1.62 -3.55 -21.15
C SER A 98 0.61 -3.14 -22.19
N SER A 99 0.86 -1.99 -22.83
CA SER A 99 0.00 -1.53 -23.91
C SER A 99 0.02 -2.48 -25.09
N ARG A 100 0.99 -3.38 -25.16
CA ARG A 100 1.10 -4.31 -26.28
C ARG A 100 0.34 -5.61 -26.04
N CYS A 101 -0.42 -5.68 -24.95
CA CYS A 101 -1.21 -6.87 -24.66
C CYS A 101 -2.07 -7.26 -25.87
N PRO A 102 -2.20 -8.55 -26.17
CA PRO A 102 -3.08 -8.98 -27.27
C PRO A 102 -4.51 -8.47 -27.14
N ASN A 103 -4.98 -8.18 -25.94
CA ASN A 103 -6.31 -7.62 -25.72
C ASN A 103 -6.33 -6.09 -25.72
N GLY A 104 -5.18 -5.46 -25.89
CA GLY A 104 -5.11 -4.01 -26.05
C GLY A 104 -5.83 -3.26 -24.95
N ASP A 105 -6.68 -2.31 -25.36
CA ASP A 105 -7.37 -1.43 -24.43
C ASP A 105 -8.22 -2.21 -23.43
N TYR A 106 -8.68 -3.39 -23.80
CA TYR A 106 -9.63 -4.10 -22.97
C TYR A 106 -8.97 -4.89 -21.84
N CYS A 107 -7.65 -5.01 -21.85
CA CYS A 107 -6.96 -5.80 -20.84
C CYS A 107 -7.34 -5.36 -19.43
N SER A 108 -7.82 -6.30 -18.62
CA SER A 108 -8.19 -6.04 -17.23
C SER A 108 -7.03 -6.24 -16.27
N ASN A 109 -5.84 -6.52 -16.78
CA ASN A 109 -4.66 -6.81 -15.97
C ASN A 109 -3.65 -5.66 -16.04
N ARG A 110 -4.16 -4.41 -16.00
CA ARG A 110 -3.34 -3.21 -15.96
C ARG A 110 -3.81 -2.29 -14.84
N ARG A 111 -4.25 -2.89 -13.73
CA ARG A 111 -4.90 -2.15 -12.64
C ARG A 111 -3.97 -1.14 -11.98
N PHE A 112 -2.73 -1.52 -11.72
CA PHE A 112 -1.80 -0.57 -11.11
C PHE A 112 -1.54 0.60 -12.05
N GLN A 113 -1.33 0.30 -13.34
CA GLN A 113 -0.99 1.35 -14.30
C GLN A 113 -2.17 2.27 -14.56
N ARG A 114 -3.37 1.71 -14.61
CA ARG A 114 -4.57 2.51 -14.90
C ARG A 114 -5.22 3.08 -13.65
N LYS A 115 -4.60 2.90 -12.47
CA LYS A 115 -5.13 3.43 -11.21
C LYS A 115 -6.57 2.99 -10.96
N GLN A 116 -6.82 1.70 -11.19
CA GLN A 116 -8.16 1.14 -11.03
C GLN A 116 -8.42 0.75 -9.58
N HIS A 117 -8.42 1.77 -8.73
CA HIS A 117 -8.51 1.60 -7.29
C HIS A 117 -9.92 1.24 -6.85
N ALA A 118 -9.99 0.61 -5.67
CA ALA A 118 -11.28 0.38 -5.03
C ALA A 118 -11.88 1.69 -4.53
N ASP A 119 -13.18 1.66 -4.25
CA ASP A 119 -13.89 2.83 -3.74
C ASP A 119 -13.68 2.87 -2.24
N VAL A 120 -12.77 3.74 -1.79
CA VAL A 120 -12.37 3.83 -0.39
C VAL A 120 -12.36 5.29 0.03
N GLU A 121 -12.59 5.51 1.32
CA GLU A 121 -12.56 6.83 1.93
C GLU A 121 -11.50 6.84 3.01
N VAL A 122 -10.99 8.04 3.32
CA VAL A 122 -10.03 8.24 4.41
C VAL A 122 -10.79 8.77 5.61
N ILE A 123 -10.62 8.10 6.76
CA ILE A 123 -11.43 8.38 7.95
C ILE A 123 -10.52 8.60 9.15
N LEU A 124 -11.01 9.37 10.11
CA LEU A 124 -10.28 9.57 11.37
C LEU A 124 -10.71 8.49 12.36
N THR A 125 -9.77 7.69 12.85
CA THR A 125 -10.04 6.65 13.83
C THR A 125 -9.91 7.20 15.25
N GLU A 126 -10.35 6.40 16.22
CA GLU A 126 -10.36 6.85 17.60
C GLU A 126 -8.95 7.04 18.15
N LYS A 127 -8.02 6.12 17.85
CA LYS A 127 -6.68 6.26 18.45
C LYS A 127 -5.55 5.76 17.56
N LYS A 128 -5.77 5.54 16.27
CA LYS A 128 -4.70 5.10 15.37
C LYS A 128 -4.29 6.18 14.40
N GLY A 129 -4.92 7.36 14.44
CA GLY A 129 -4.74 8.36 13.42
C GLY A 129 -5.78 8.20 12.34
N TRP A 130 -5.43 8.54 11.12
CA TRP A 130 -6.37 8.34 10.02
C TRP A 130 -6.26 6.91 9.51
N GLY A 131 -7.28 6.48 8.78
CA GLY A 131 -7.35 5.15 8.25
C GLY A 131 -8.14 5.12 6.96
N LEU A 132 -8.33 3.93 6.41
CA LEU A 132 -9.06 3.73 5.17
C LEU A 132 -10.30 2.89 5.43
N ARG A 133 -11.41 3.23 4.77
CA ARG A 133 -12.60 2.40 4.90
C ARG A 133 -13.21 2.16 3.53
N ALA A 134 -13.87 1.01 3.40
CA ALA A 134 -14.56 0.69 2.16
C ALA A 134 -15.80 1.56 2.02
N ALA A 135 -15.98 2.14 0.84
CA ALA A 135 -17.20 2.90 0.55
C ALA A 135 -18.25 2.07 -0.16
N LYS A 136 -17.87 0.92 -0.70
CA LYS A 136 -18.79 -0.07 -1.23
C LYS A 136 -18.35 -1.42 -0.70
N ASP A 137 -19.23 -2.42 -0.79
CA ASP A 137 -18.80 -3.79 -0.60
C ASP A 137 -17.66 -4.08 -1.57
N LEU A 138 -16.56 -4.61 -1.04
CA LEU A 138 -15.42 -4.98 -1.87
C LEU A 138 -15.32 -6.49 -1.91
N PRO A 139 -15.45 -7.12 -3.08
CA PRO A 139 -15.28 -8.57 -3.16
C PRO A 139 -13.89 -9.00 -2.70
N SER A 140 -13.77 -10.28 -2.37
CA SER A 140 -12.47 -10.84 -2.06
C SER A 140 -11.52 -10.70 -3.25
N ASN A 141 -10.24 -10.51 -2.94
CA ASN A 141 -9.17 -10.35 -3.93
C ASN A 141 -9.39 -9.15 -4.85
N THR A 142 -9.89 -8.06 -4.29
CA THR A 142 -10.03 -6.80 -5.00
C THR A 142 -8.79 -5.93 -4.75
N PHE A 143 -8.21 -5.40 -5.84
CA PHE A 143 -7.14 -4.42 -5.71
C PHE A 143 -7.67 -3.16 -5.04
N VAL A 144 -6.99 -2.74 -3.98
CA VAL A 144 -7.39 -1.52 -3.26
C VAL A 144 -6.63 -0.32 -3.81
N LEU A 145 -5.33 -0.25 -3.54
CA LEU A 145 -4.46 0.86 -3.93
C LEU A 145 -3.04 0.32 -3.96
N GLU A 146 -2.17 0.98 -4.72
CA GLU A 146 -0.73 0.70 -4.65
C GLU A 146 -0.10 1.48 -3.50
N TYR A 147 0.82 0.83 -2.78
CA TYR A 147 1.59 1.50 -1.74
C TYR A 147 2.77 2.20 -2.40
N CYS A 148 2.56 3.47 -2.76
CA CYS A 148 3.56 4.29 -3.44
C CYS A 148 4.39 5.06 -2.44
N GLY A 149 5.62 5.38 -2.83
CA GLY A 149 6.42 6.25 -1.99
C GLY A 149 7.75 6.53 -2.64
N GLU A 150 8.65 7.11 -1.84
CA GLU A 150 10.05 7.23 -2.25
C GLU A 150 10.77 5.93 -1.95
N VAL A 151 11.54 5.42 -2.91
CA VAL A 151 12.26 4.17 -2.74
C VAL A 151 13.70 4.48 -2.35
N LEU A 152 14.12 3.90 -1.22
CA LEU A 152 15.39 4.18 -0.57
C LEU A 152 16.30 2.96 -0.65
N ASP A 153 17.61 3.20 -0.74
CA ASP A 153 18.57 2.13 -0.49
C ASP A 153 18.94 2.12 0.99
N HIS A 154 19.88 1.26 1.40
CA HIS A 154 20.14 1.11 2.83
C HIS A 154 20.72 2.38 3.42
N LYS A 155 21.64 3.04 2.69
CA LYS A 155 22.20 4.30 3.15
C LYS A 155 21.10 5.35 3.33
N GLU A 156 20.23 5.49 2.34
CA GLU A 156 19.16 6.48 2.42
C GLU A 156 18.17 6.12 3.52
N PHE A 157 17.92 4.83 3.71
CA PHE A 157 17.02 4.40 4.79
C PHE A 157 17.56 4.83 6.15
N LYS A 158 18.84 4.57 6.42
CA LYS A 158 19.39 4.93 7.72
C LYS A 158 19.31 6.43 7.96
N ALA A 159 19.54 7.23 6.90
CA ALA A 159 19.39 8.68 7.03
C ALA A 159 17.96 9.05 7.42
N ARG A 160 16.97 8.40 6.81
CA ARG A 160 15.58 8.70 7.13
C ARG A 160 15.21 8.20 8.53
N VAL A 161 15.71 7.03 8.93
CA VAL A 161 15.51 6.55 10.30
C VAL A 161 15.93 7.61 11.30
N LYS A 162 17.11 8.19 11.10
CA LYS A 162 17.58 9.20 12.04
C LYS A 162 16.73 10.45 11.98
N GLU A 163 16.36 10.90 10.76
CA GLU A 163 15.58 12.11 10.63
C GLU A 163 14.23 11.97 11.31
N TYR A 164 13.55 10.83 11.10
CA TYR A 164 12.23 10.66 11.67
C TYR A 164 12.28 10.49 13.18
N ALA A 165 13.34 9.86 13.70
CA ALA A 165 13.49 9.77 15.14
C ALA A 165 13.77 11.14 15.73
N ARG A 166 14.62 11.94 15.08
CA ARG A 166 14.93 13.28 15.53
C ARG A 166 13.68 14.17 15.54
N ASN A 167 12.81 13.99 14.54
CA ASN A 167 11.57 14.75 14.44
C ASN A 167 10.49 14.25 15.39
N LYS A 168 10.72 13.13 16.07
CA LYS A 168 9.75 12.57 17.02
C LYS A 168 8.44 12.18 16.33
N ASN A 169 8.58 11.63 15.12
CA ASN A 169 7.41 11.16 14.38
C ASN A 169 6.72 10.05 15.15
N ILE A 170 5.40 10.05 15.09
CA ILE A 170 4.62 8.96 15.68
C ILE A 170 4.36 7.85 14.67
N HIS A 171 3.92 8.20 13.47
CA HIS A 171 3.59 7.19 12.47
C HIS A 171 4.80 6.88 11.61
N TYR A 172 4.93 5.61 11.25
CA TYR A 172 5.99 5.13 10.37
C TYR A 172 5.42 4.55 9.09
N TYR A 173 6.16 4.75 7.99
CA TYR A 173 5.64 4.47 6.66
C TYR A 173 6.68 3.74 5.79
N PHE A 174 7.64 3.06 6.41
CA PHE A 174 8.61 2.27 5.67
C PHE A 174 8.03 0.89 5.36
N MET A 175 8.22 0.45 4.11
CA MET A 175 7.81 -0.89 3.73
C MET A 175 8.91 -1.55 2.90
N ALA A 176 9.31 -2.77 3.29
CA ALA A 176 10.35 -3.48 2.55
C ALA A 176 9.83 -3.93 1.19
N LEU A 177 10.51 -3.53 0.12
CA LEU A 177 10.13 -3.94 -1.23
C LEU A 177 11.02 -5.04 -1.77
N LYS A 178 12.34 -4.83 -1.70
CA LYS A 178 13.38 -5.82 -1.97
C LYS A 178 14.43 -5.65 -0.88
N ASN A 179 15.50 -6.45 -0.96
CA ASN A 179 16.51 -6.41 0.10
C ASN A 179 17.17 -5.04 0.23
N ASP A 180 17.34 -4.33 -0.90
CA ASP A 180 17.94 -3.00 -0.91
C ASP A 180 16.99 -1.94 -1.47
N GLU A 181 15.69 -2.15 -1.36
CA GLU A 181 14.69 -1.17 -1.76
C GLU A 181 13.65 -1.11 -0.65
N ILE A 182 13.55 0.05 0.01
CA ILE A 182 12.54 0.29 1.03
C ILE A 182 11.65 1.43 0.55
N ILE A 183 10.34 1.18 0.48
CA ILE A 183 9.40 2.24 0.13
C ILE A 183 9.17 3.09 1.38
N ASP A 184 9.28 4.40 1.24
CA ASP A 184 9.04 5.33 2.32
C ASP A 184 7.91 6.26 1.88
N ALA A 185 6.74 6.10 2.48
CA ALA A 185 5.59 6.93 2.15
C ALA A 185 5.37 8.07 3.14
N THR A 186 6.40 8.43 3.92
CA THR A 186 6.22 9.47 4.94
C THR A 186 5.97 10.83 4.31
N GLN A 187 6.77 11.19 3.31
CA GLN A 187 6.70 12.51 2.72
C GLN A 187 5.97 12.54 1.38
N LYS A 188 6.09 11.46 0.61
CA LYS A 188 5.45 11.33 -0.70
C LYS A 188 4.79 9.95 -0.75
N GLY A 189 3.58 9.91 -1.30
CA GLY A 189 2.86 8.66 -1.41
C GLY A 189 1.45 8.91 -1.90
N ASN A 190 0.55 7.99 -1.58
CA ASN A 190 -0.86 8.17 -1.91
C ASN A 190 -1.69 7.74 -0.71
N CYS A 191 -2.99 7.59 -0.88
CA CYS A 191 -3.84 7.30 0.28
C CYS A 191 -3.63 5.91 0.85
N SER A 192 -2.86 5.05 0.18
CA SER A 192 -2.52 3.76 0.76
C SER A 192 -1.75 3.92 2.06
N ARG A 193 -1.09 5.07 2.26
CA ARG A 193 -0.31 5.26 3.46
C ARG A 193 -1.18 5.33 4.69
N PHE A 194 -2.51 5.39 4.53
CA PHE A 194 -3.41 5.43 5.68
C PHE A 194 -3.91 4.06 6.12
N MET A 195 -3.53 2.97 5.47
CA MET A 195 -4.06 1.67 5.89
C MET A 195 -3.42 1.23 7.20
N ASN A 196 -4.25 0.99 8.19
CA ASN A 196 -3.77 0.63 9.51
C ASN A 196 -3.51 -0.87 9.64
N HIS A 197 -2.80 -1.22 10.71
CA HIS A 197 -2.49 -2.60 11.00
C HIS A 197 -3.63 -3.26 11.76
N SER A 198 -3.89 -4.53 11.44
CA SER A 198 -4.71 -5.38 12.28
C SER A 198 -4.09 -6.76 12.44
N CYS A 199 -4.20 -7.32 13.65
CA CYS A 199 -3.80 -8.68 13.91
C CYS A 199 -4.76 -9.70 13.28
N GLU A 200 -5.93 -9.25 12.85
CA GLU A 200 -6.92 -10.08 12.14
C GLU A 200 -7.40 -9.24 10.96
N PRO A 201 -6.58 -9.16 9.92
CA PRO A 201 -6.80 -8.15 8.87
C PRO A 201 -7.79 -8.62 7.81
N ASN A 202 -8.17 -7.68 6.95
CA ASN A 202 -8.99 -8.00 5.79
C ASN A 202 -8.32 -7.70 4.46
N CYS A 203 -7.06 -7.28 4.46
CA CYS A 203 -6.28 -7.04 3.24
C CYS A 203 -4.89 -7.64 3.41
N GLU A 204 -4.16 -7.71 2.30
CA GLU A 204 -2.78 -8.17 2.28
C GLU A 204 -2.01 -7.38 1.24
N THR A 205 -0.68 -7.39 1.40
CA THR A 205 0.20 -6.95 0.32
C THR A 205 0.32 -8.02 -0.76
N GLN A 206 0.45 -7.57 -2.01
CA GLN A 206 0.92 -8.43 -3.08
C GLN A 206 1.97 -7.65 -3.87
N LYS A 207 3.06 -8.33 -4.23
CA LYS A 207 4.13 -7.73 -5.02
C LYS A 207 3.88 -8.04 -6.49
N TRP A 208 3.78 -7.00 -7.30
CA TRP A 208 3.47 -7.13 -8.72
C TRP A 208 4.56 -6.50 -9.56
N THR A 209 4.80 -7.09 -10.73
CA THR A 209 5.78 -6.55 -11.66
C THR A 209 5.06 -5.67 -12.67
N VAL A 210 5.53 -4.43 -12.80
CA VAL A 210 4.98 -3.46 -13.75
C VAL A 210 6.16 -2.86 -14.51
N ASN A 211 6.22 -3.10 -15.82
CA ASN A 211 7.35 -2.62 -16.62
C ASN A 211 8.70 -3.10 -16.06
N GLY A 212 8.75 -4.39 -15.72
CA GLY A 212 9.98 -4.95 -15.20
C GLY A 212 10.41 -4.48 -13.82
N GLN A 213 9.56 -3.71 -13.13
CA GLN A 213 9.88 -3.16 -11.83
C GLN A 213 8.85 -3.63 -10.82
N LEU A 214 9.29 -3.90 -9.60
CA LEU A 214 8.39 -4.43 -8.57
C LEU A 214 7.66 -3.31 -7.86
N ARG A 215 6.36 -3.53 -7.61
CA ARG A 215 5.52 -2.63 -6.82
C ARG A 215 4.76 -3.45 -5.80
N VAL A 216 4.23 -2.78 -4.77
CA VAL A 216 3.38 -3.43 -3.77
C VAL A 216 1.99 -2.83 -3.85
N GLY A 217 0.97 -3.69 -3.92
CA GLY A 217 -0.41 -3.25 -3.81
C GLY A 217 -1.12 -3.92 -2.66
N PHE A 218 -2.19 -3.30 -2.18
CA PHE A 218 -3.08 -3.90 -1.21
C PHE A 218 -4.26 -4.53 -1.91
N PHE A 219 -4.65 -5.73 -1.46
CA PHE A 219 -5.75 -6.50 -2.01
C PHE A 219 -6.55 -7.07 -0.86
N THR A 220 -7.88 -7.06 -0.99
CA THR A 220 -8.69 -7.67 0.06
C THR A 220 -8.49 -9.18 0.07
N THR A 221 -8.65 -9.77 1.26
CA THR A 221 -8.53 -11.20 1.43
C THR A 221 -9.87 -11.85 1.70
N LYS A 222 -10.92 -11.05 1.76
CA LYS A 222 -12.27 -11.52 2.01
C LYS A 222 -13.20 -10.43 1.53
N LEU A 223 -14.50 -10.74 1.53
CA LEU A 223 -15.49 -9.71 1.23
C LEU A 223 -15.47 -8.69 2.35
N VAL A 224 -15.23 -7.43 2.01
CA VAL A 224 -15.20 -6.34 2.98
C VAL A 224 -16.50 -5.55 2.83
N PRO A 225 -17.40 -5.59 3.81
CA PRO A 225 -18.65 -4.83 3.69
C PRO A 225 -18.40 -3.33 3.67
N SER A 226 -19.26 -2.62 2.94
CA SER A 226 -19.23 -1.16 2.95
C SER A 226 -19.18 -0.63 4.37
N GLY A 227 -18.34 0.39 4.60
CA GLY A 227 -18.21 1.01 5.89
C GLY A 227 -17.14 0.42 6.79
N SER A 228 -16.58 -0.73 6.43
CA SER A 228 -15.58 -1.39 7.27
C SER A 228 -14.20 -0.80 7.03
N GLU A 229 -13.44 -0.66 8.11
CA GLU A 229 -12.05 -0.23 7.96
C GLU A 229 -11.27 -1.30 7.22
N LEU A 230 -10.38 -0.86 6.32
CA LEU A 230 -9.47 -1.76 5.63
C LEU A 230 -8.16 -1.82 6.42
N THR A 231 -7.68 -3.03 6.66
CA THR A 231 -6.50 -3.24 7.48
C THR A 231 -5.64 -4.35 6.86
N PHE A 232 -4.34 -4.31 7.16
CA PHE A 232 -3.49 -5.44 6.81
C PHE A 232 -2.58 -5.75 7.99
N ASP A 233 -1.98 -6.93 7.98
CA ASP A 233 -1.04 -7.33 9.02
C ASP A 233 0.35 -6.82 8.60
N TYR A 234 0.84 -5.81 9.32
CA TYR A 234 2.12 -5.19 8.98
C TYR A 234 3.29 -6.17 9.08
N GLN A 235 3.19 -7.21 9.91
CA GLN A 235 4.34 -8.03 10.25
C GLN A 235 5.53 -7.12 10.55
N PHE A 236 5.27 -6.14 11.41
CA PHE A 236 6.16 -5.01 11.61
C PHE A 236 7.47 -5.48 12.24
N GLN A 237 8.58 -5.00 11.69
CA GLN A 237 9.91 -5.28 12.22
C GLN A 237 10.31 -4.03 12.98
N ARG A 238 10.22 -4.08 14.31
CA ARG A 238 10.41 -2.89 15.14
C ARG A 238 11.88 -2.78 15.51
N TYR A 239 12.52 -1.66 15.13
CA TYR A 239 13.85 -1.35 15.62
C TYR A 239 13.83 -0.36 16.78
N GLY A 240 12.72 0.35 16.98
CA GLY A 240 12.64 1.32 18.07
C GLY A 240 12.74 0.68 19.44
N LYS A 241 13.26 1.45 20.39
CA LYS A 241 13.38 0.98 21.77
C LYS A 241 12.01 0.68 22.38
N GLU A 242 10.99 1.41 21.99
CA GLU A 242 9.66 1.27 22.56
C GLU A 242 8.69 0.80 21.49
N ALA A 243 7.78 -0.09 21.87
CA ALA A 243 6.79 -0.63 20.95
C ALA A 243 5.49 0.14 21.07
N GLN A 244 4.87 0.38 19.94
CA GLN A 244 3.54 0.99 19.91
C GLN A 244 2.50 -0.06 20.26
N LYS A 245 1.62 0.26 21.21
CA LYS A 245 0.53 -0.64 21.53
C LYS A 245 -0.43 -0.74 20.35
N CYS A 246 -0.96 -1.93 20.15
CA CYS A 246 -1.88 -2.18 19.03
C CYS A 246 -3.32 -1.98 19.49
N PHE A 247 -4.06 -1.16 18.74
CA PHE A 247 -5.46 -0.88 19.02
C PHE A 247 -6.39 -1.51 17.99
N CYS A 248 -5.98 -2.63 17.39
CA CYS A 248 -6.81 -3.23 16.34
C CYS A 248 -8.11 -3.80 16.91
N GLY A 249 -8.13 -4.18 18.18
CA GLY A 249 -9.33 -4.68 18.81
C GLY A 249 -9.65 -6.13 18.56
N SER A 250 -8.78 -6.86 17.86
CA SER A 250 -9.03 -8.26 17.56
C SER A 250 -8.92 -9.11 18.81
N ALA A 251 -9.69 -10.21 18.82
CA ALA A 251 -9.62 -11.14 19.94
C ALA A 251 -8.25 -11.81 20.03
N ASN A 252 -7.51 -11.87 18.92
CA ASN A 252 -6.18 -12.47 18.90
C ASN A 252 -5.08 -11.42 18.80
N CYS A 253 -5.33 -10.22 19.30
CA CYS A 253 -4.36 -9.13 19.18
C CYS A 253 -3.05 -9.47 19.86
N ARG A 254 -1.94 -9.16 19.20
CA ARG A 254 -0.59 -9.37 19.72
C ARG A 254 -0.17 -8.29 20.71
N GLY A 255 -0.98 -7.27 20.92
CA GLY A 255 -0.68 -6.26 21.93
C GLY A 255 0.17 -5.11 21.46
N TYR A 256 1.11 -5.37 20.54
CA TYR A 256 2.07 -4.36 20.11
C TYR A 256 2.38 -4.53 18.64
N LEU A 257 2.54 -3.41 17.95
CA LEU A 257 3.05 -3.43 16.58
C LEU A 257 4.51 -3.86 16.62
N GLY A 258 4.81 -4.97 15.98
CA GLY A 258 6.15 -5.53 16.04
C GLY A 258 6.23 -6.79 16.86
N GLY A 259 5.20 -7.09 17.66
CA GLY A 259 5.24 -8.27 18.48
C GLY A 259 6.20 -8.13 19.65
N GLU A 260 6.79 -9.27 20.04
CA GLU A 260 7.58 -9.35 21.25
C GLU A 260 9.01 -8.86 21.05
N ASN A 261 9.56 -9.01 19.85
CA ASN A 261 10.99 -8.85 19.63
C ASN A 261 11.31 -7.50 19.02
N ARG A 262 12.40 -6.90 19.49
CA ARG A 262 13.03 -5.77 18.82
C ARG A 262 14.14 -6.30 17.93
N VAL A 263 14.25 -5.74 16.72
CA VAL A 263 15.28 -6.11 15.78
C VAL A 263 16.23 -4.92 15.59
N SER A 264 17.38 -5.20 14.99
CA SER A 264 18.29 -4.11 14.68
C SER A 264 17.79 -3.31 13.49
N ILE A 265 18.28 -2.08 13.37
CA ILE A 265 17.97 -1.25 12.21
C ILE A 265 18.38 -1.98 10.93
N ARG A 266 19.56 -2.61 10.95
CA ARG A 266 20.03 -3.35 9.79
C ARG A 266 19.08 -4.49 9.42
N ALA A 267 18.64 -5.26 10.41
CA ALA A 267 17.72 -6.36 10.11
C ALA A 267 16.38 -5.84 9.58
N ALA A 268 15.84 -4.80 10.20
CA ALA A 268 14.55 -4.25 9.74
C ALA A 268 14.64 -3.76 8.30
N GLY A 269 15.79 -3.23 7.90
CA GLY A 269 15.99 -2.74 6.55
C GLY A 269 16.35 -3.79 5.54
N GLY A 270 16.39 -5.07 5.92
CA GLY A 270 16.61 -6.14 4.99
C GLY A 270 18.05 -6.53 4.76
N LYS A 271 18.93 -6.22 5.70
CA LYS A 271 20.37 -6.51 5.62
C LYS A 271 21.09 -5.62 4.61
N ALA B 1 19.81 4.91 18.95
CA ALA B 1 18.72 3.97 19.22
C ALA B 1 17.39 4.71 19.32
N PRO B 2 16.69 4.79 18.19
CA PRO B 2 15.40 5.49 18.15
C PRO B 2 14.41 4.95 19.17
N SER B 3 13.54 5.84 19.66
CA SER B 3 12.49 5.42 20.59
C SER B 3 11.45 4.57 19.88
N THR B 4 10.98 5.01 18.72
CA THR B 4 9.97 4.30 17.97
C THR B 4 10.43 4.21 16.53
N GLY B 5 9.99 3.18 15.84
CA GLY B 5 10.24 3.04 14.42
C GLY B 5 10.38 1.59 14.03
N GLY B 6 10.11 1.31 12.75
CA GLY B 6 10.26 -0.03 12.24
C GLY B 6 9.84 -0.07 10.78
N VAL B 7 9.83 -1.27 10.22
CA VAL B 7 9.60 -1.49 8.79
C VAL B 7 8.49 -2.52 8.61
N ILE B 8 7.51 -2.19 7.76
CA ILE B 8 6.47 -3.12 7.39
C ILE B 8 7.05 -4.19 6.47
N LYS B 9 6.68 -5.46 6.72
CA LYS B 9 7.17 -6.57 5.90
C LYS B 9 6.04 -7.17 5.09
N PRO B 10 5.99 -6.95 3.78
CA PRO B 10 4.96 -7.61 2.96
C PRO B 10 5.00 -9.13 3.11
N HIS B 11 3.82 -9.72 3.16
CA HIS B 11 3.71 -11.18 3.13
C HIS B 11 2.30 -11.51 2.65
N ARG B 12 2.15 -12.73 2.16
CA ARG B 12 0.83 -13.20 1.75
C ARG B 12 0.03 -13.66 2.95
N TYR B 13 -1.20 -13.15 3.07
CA TYR B 13 -2.06 -13.52 4.18
C TYR B 13 -2.30 -15.03 4.21
N ARG B 14 -2.16 -15.63 5.38
CA ARG B 14 -2.43 -17.05 5.50
C ARG B 14 -3.48 -17.36 6.56
N SAH C . -2.75 5.98 11.01
CA SAH C . -1.68 6.48 10.14
CB SAH C . -1.66 5.71 8.82
CG SAH C . -0.97 4.36 8.89
SD SAH C . 0.84 4.60 9.03
C SAH C . -1.84 7.97 9.89
O SAH C . -2.66 8.62 10.54
OXT SAH C . -1.16 8.56 9.06
C5' SAH C . 1.18 3.45 10.39
C4' SAH C . 1.05 4.12 11.76
O4' SAH C . -0.31 4.18 12.16
C3' SAH C . 1.75 3.33 12.86
O3' SAH C . 3.11 3.71 12.96
C2' SAH C . 0.94 3.67 14.09
O2' SAH C . 1.36 4.91 14.62
C1' SAH C . -0.45 3.86 13.52
N9 SAH C . -1.18 2.58 13.57
C8 SAH C . -1.53 1.80 12.51
N7 SAH C . -2.17 0.71 12.95
C5 SAH C . -2.26 0.78 14.31
C6 SAH C . -2.80 -0.08 15.26
N6 SAH C . -3.42 -1.20 14.95
N1 SAH C . -2.69 0.31 16.57
C2 SAH C . -2.07 1.48 16.92
N3 SAH C . -1.53 2.31 15.99
C4 SAH C . -1.64 1.96 14.69
S SCN D . 2.84 -6.43 13.62
C SCN D . 3.58 -7.54 14.27
N SCN D . 4.16 -8.41 14.78
S SCN E . 20.30 -0.74 7.02
C SCN E . 21.78 -0.73 6.75
N SCN E . 22.91 -0.72 6.55
S SCN F . 3.93 -10.10 -0.32
C SCN F . 3.79 -10.57 -1.74
N SCN F . 3.66 -10.95 -2.83
C1 GOL G . -4.26 -3.51 23.45
O1 GOL G . -3.48 -4.38 22.65
C2 GOL G . -3.37 -2.39 23.96
O2 GOL G . -3.81 -1.94 25.22
C3 GOL G . -1.92 -2.86 24.03
O3 GOL G . -1.83 -4.18 24.51
C1 GOL H . -9.56 -2.18 -18.89
O1 GOL H . -9.50 -2.58 -17.53
C2 GOL H . -10.89 -1.51 -19.20
O2 GOL H . -11.22 -0.60 -18.17
C3 GOL H . -11.98 -2.56 -19.34
O3 GOL H . -13.15 -1.94 -19.83
ZN ZN I . -3.44 -12.14 -20.72
ZN ZN J . -3.47 -8.32 -20.91
ZN ZN K . -3.70 -6.00 17.34
#